data_8U1B
#
_entry.id   8U1B
#
_cell.length_a   1.00
_cell.length_b   1.00
_cell.length_c   1.00
_cell.angle_alpha   90.00
_cell.angle_beta   90.00
_cell.angle_gamma   90.00
#
_symmetry.space_group_name_H-M   'P 1'
#
loop_
_entity.id
_entity.type
_entity.pdbx_description
1 polymer 'Leucine-rich repeat serine/threonine-protein kinase 2'
2 polymer 'E11 DARPin'
#
loop_
_entity_poly.entity_id
_entity_poly.type
_entity_poly.pdbx_seq_one_letter_code
_entity_poly.pdbx_strand_id
1 'polypeptide(L)'
;RMKLMIVGNTGSGKTTLLQQLMKTKKSDLGMQSATVGIDVKDWPIQIRDKRKRDLVLNVWDFAGREEFYSTHPHFMTQRA
LYLAVYDLSKGQAEVDAMKPWLFNIKARASSSPVILVGTHLDVSDEKQRKACMSKITKELLNKRGFPAIRDYHFVNATEE
SDALAKLRKTIINESLNFKIRDQLVVGQLIPDCYVELEKIILSERKNVPIEFPVIDRKRLLQLVRENQLQLDENELPHAV
HFLNESGVLLHFQDPALQLSDLYFVEPKWLCKIMAQILTVKVEGCPKHPKGIISRRDVEKFLSKKRKFPKNYMSQYFKLL
EKFQIALPIGEEYLLVPSSLSDHRPVIELPHCENSEIIIRLYEMPYFPMGFWSRLINRLLEISPYMLSGRERALRPNRMY
WRQGIYLNWSPEAYCLVGSEVLDNHPESFLKITVPSCRKGCILLGQVVDHIDSLMEEWFPGLLEIDICGEGETLLKKWAL
YSFNDGEEHQKILLDDLMKKAEEGDLLVNPDQPRLTIPISQIAPDLILADLPRNIMLNNDELEFEQAPEFLLGDGSFGSV
YRAAYEGEEVAVKIFNKHTSLRLLRQELVVLCHLHHPSLISLLAAGIRPRMLVMELASKGSLDRLLQQDKASLTRTLQHR
IALHVADGLRYLHSAMIIYRDLKPHNVLLFTLYPNAAIIAKIADYGIAQYCCRMGIKTSEGTPGFRAPEVARGNVIYNQQ
ADVYSFGLLLYDILTTGGRIVEGLKFPNEFDELEIQGKLPDPVKEYGCAPWPMVEKLIKQCLKENPQERPTSAQVFDILN
SAELVCLTRRILLPKNVIVECMVATHHNSRNASIWLGCGHTDRGQLSFLDLNTEGYTSEEVADSRILCLALVHLPVEKES
WIVSGTQSGTLLVINTEDGKKRHTLEKMTDSVTCLYCNSFSKQSKQKNFLLVGTADGKLAIFEDKTVKLKGAAPLKILNI
GNVSTPLMCLSESTNSTERNVMWGGCGTKIFSFSNDFTIQKLIETRTSQLFSYAAFSDSNIITVVVDTALYIAKQNSPVV
EVWDKKTEKLCGLIDCVHFLREVMVKENKESKHKMSYSGRVKTLCLQKNTALWIGTGGGHILLLDLSTRRLIRVIYNFCN
SVRVMMTAQLGSLKNVMLVLGYNRKNTEGTQKQKEIQSCLTVWDINLPHEVQNLEKHIEVRKELAEKMRRTSVE
;
A
2 'polypeptide(L)'
;MRGSHHHHHHHHGSDLGKKLLEAARAGQDDEVRILMANGADVNATDEAGVTPLHLAADSGHLEIVEVLLKTGADVNAWDH
YGFTPLHLAAHVGHLEIVEVLLKAGADVNAQDHAGWTPLHLAALYGHLEIVEVLLKHGADVNAQDMWGETPFDLAIDNGN
EDIAEVLQKAAKLNDYKDDDDK
;
C
#
# COMPACT_ATOMS: atom_id res chain seq x y z
N LYS A 619 -5.08 30.34 -31.42
CA LYS A 619 -4.37 29.57 -32.42
C LYS A 619 -5.11 28.28 -32.78
N GLY A 620 -6.30 28.44 -33.35
CA GLY A 620 -7.09 27.31 -33.81
C GLY A 620 -8.39 27.18 -33.04
N SER A 621 -9.16 26.17 -33.46
CA SER A 621 -10.42 25.82 -32.80
C SER A 621 -10.46 24.31 -32.64
N LEU A 622 -11.30 23.84 -31.71
CA LEU A 622 -11.28 22.43 -31.35
C LEU A 622 -12.05 21.61 -32.38
N ASP A 623 -11.70 21.80 -33.65
CA ASP A 623 -12.09 20.92 -34.73
C ASP A 623 -10.87 20.39 -35.48
N ARG A 624 -9.88 21.25 -35.74
CA ARG A 624 -8.73 20.87 -36.55
C ARG A 624 -7.88 19.82 -35.84
N LEU A 625 -7.58 20.03 -34.57
CA LEU A 625 -6.73 19.08 -33.86
C LEU A 625 -7.42 17.74 -33.67
N LEU A 626 -8.74 17.75 -33.47
CA LEU A 626 -9.48 16.49 -33.48
C LEU A 626 -9.57 15.90 -34.88
N GLN A 627 -9.34 16.71 -35.91
CA GLN A 627 -9.39 16.20 -37.29
C GLN A 627 -8.03 15.66 -37.73
N GLN A 628 -7.00 16.51 -37.68
CA GLN A 628 -5.69 16.15 -38.19
C GLN A 628 -4.60 16.07 -37.13
N ASP A 629 -4.60 16.96 -36.16
CA ASP A 629 -3.51 17.03 -35.17
C ASP A 629 -3.77 16.05 -34.02
N LYS A 630 -3.85 14.76 -34.37
CA LYS A 630 -4.10 13.73 -33.37
C LYS A 630 -2.87 13.45 -32.52
N ALA A 631 -1.67 13.60 -33.09
CA ALA A 631 -0.45 13.27 -32.34
C ALA A 631 -0.23 14.22 -31.17
N SER A 632 -0.47 15.52 -31.38
CA SER A 632 -0.19 16.50 -30.34
C SER A 632 -1.17 16.44 -29.17
N LEU A 633 -2.25 15.66 -29.29
CA LEU A 633 -3.24 15.56 -28.23
C LEU A 633 -2.74 14.57 -27.18
N THR A 634 -1.78 15.03 -26.38
CA THR A 634 -1.26 14.21 -25.30
C THR A 634 -2.27 14.12 -24.16
N ARG A 635 -2.06 13.13 -23.29
CA ARG A 635 -3.02 12.86 -22.23
C ARG A 635 -3.14 14.04 -21.27
N THR A 636 -2.02 14.65 -20.89
CA THR A 636 -2.08 15.80 -20.00
C THR A 636 -2.75 16.98 -20.66
N LEU A 637 -2.65 17.10 -21.99
CA LEU A 637 -3.40 18.12 -22.69
C LEU A 637 -4.87 17.76 -22.83
N GLN A 638 -5.18 16.48 -22.96
CA GLN A 638 -6.58 16.05 -23.00
C GLN A 638 -7.30 16.43 -21.72
N HIS A 639 -6.66 16.23 -20.58
CA HIS A 639 -7.20 16.67 -19.29
C HIS A 639 -6.71 18.08 -18.97
N ARG A 640 -6.84 18.97 -19.94
CA ARG A 640 -6.63 20.39 -19.70
C ARG A 640 -7.74 21.18 -20.37
N ILE A 641 -8.29 20.61 -21.43
CA ILE A 641 -9.44 21.21 -22.09
C ILE A 641 -10.70 20.99 -21.26
N ALA A 642 -10.98 19.73 -20.92
CA ALA A 642 -12.19 19.39 -20.20
C ALA A 642 -12.22 20.06 -18.83
N LEU A 643 -11.08 20.12 -18.15
CA LEU A 643 -11.00 20.87 -16.91
C LEU A 643 -11.32 22.34 -17.14
N HIS A 644 -10.83 22.89 -18.26
CA HIS A 644 -11.09 24.29 -18.56
C HIS A 644 -12.49 24.52 -19.09
N VAL A 645 -13.06 23.55 -19.80
CA VAL A 645 -14.45 23.68 -20.24
C VAL A 645 -15.40 23.60 -19.06
N ALA A 646 -15.20 22.62 -18.18
CA ALA A 646 -16.06 22.48 -17.02
C ALA A 646 -15.86 23.60 -16.00
N ASP A 647 -14.77 24.35 -16.11
CA ASP A 647 -14.62 25.55 -15.29
C ASP A 647 -15.35 26.75 -15.88
N GLY A 648 -15.86 26.63 -17.10
CA GLY A 648 -16.70 27.67 -17.68
C GLY A 648 -18.15 27.28 -17.59
N LEU A 649 -18.43 25.99 -17.80
CA LEU A 649 -19.79 25.49 -17.63
C LEU A 649 -20.25 25.65 -16.18
N ARG A 650 -19.35 25.42 -15.22
CA ARG A 650 -19.68 25.66 -13.83
C ARG A 650 -20.00 27.12 -13.58
N TYR A 651 -19.23 28.02 -14.19
CA TYR A 651 -19.50 29.45 -14.05
C TYR A 651 -20.83 29.83 -14.66
N LEU A 652 -21.13 29.28 -15.84
CA LEU A 652 -22.38 29.60 -16.51
C LEU A 652 -23.58 29.15 -15.68
N HIS A 653 -23.59 27.89 -15.25
CA HIS A 653 -24.69 27.41 -14.43
C HIS A 653 -24.73 28.10 -13.08
N SER A 654 -23.60 28.64 -12.63
CA SER A 654 -23.60 29.39 -11.38
C SER A 654 -24.48 30.63 -11.49
N ALA A 655 -24.28 31.44 -12.53
CA ALA A 655 -25.10 32.63 -12.74
C ALA A 655 -26.27 32.34 -13.67
N MET A 656 -26.96 31.23 -13.38
CA MET A 656 -28.24 30.88 -14.00
C MET A 656 -28.29 31.06 -15.51
N ILE A 657 -27.39 30.42 -16.26
CA ILE A 657 -27.46 30.45 -17.70
C ILE A 657 -27.55 29.02 -18.23
N ILE A 658 -28.00 28.87 -19.48
CA ILE A 658 -28.10 27.58 -20.14
C ILE A 658 -27.39 27.69 -21.49
N TYR A 659 -26.93 26.55 -22.00
CA TYR A 659 -26.19 26.50 -23.25
C TYR A 659 -26.90 25.76 -24.36
N ARG A 660 -27.26 24.49 -24.16
CA ARG A 660 -28.03 23.69 -25.11
C ARG A 660 -27.27 23.39 -26.40
N ASP A 661 -26.05 23.92 -26.55
CA ASP A 661 -25.27 23.65 -27.74
C ASP A 661 -23.79 23.49 -27.41
N LEU A 662 -23.49 22.98 -26.21
CA LEU A 662 -22.10 22.73 -25.83
C LEU A 662 -21.50 21.69 -26.77
N LYS A 663 -20.58 22.12 -27.62
CA LYS A 663 -20.01 21.27 -28.65
C LYS A 663 -18.52 21.57 -28.80
N PRO A 664 -17.73 20.68 -29.39
CA PRO A 664 -16.32 20.99 -29.63
C PRO A 664 -16.13 22.21 -30.51
N HIS A 665 -17.14 22.55 -31.30
CA HIS A 665 -17.12 23.73 -32.16
C HIS A 665 -17.10 25.04 -31.38
N ASN A 666 -17.35 25.01 -30.08
CA ASN A 666 -17.40 26.21 -29.26
C ASN A 666 -16.44 26.07 -28.08
N VAL A 667 -15.21 25.65 -28.37
CA VAL A 667 -14.17 25.60 -27.35
C VAL A 667 -13.05 26.56 -27.72
N LEU A 668 -12.57 26.48 -28.96
CA LEU A 668 -11.68 27.47 -29.57
C LEU A 668 -10.46 27.75 -28.68
N LEU A 669 -9.61 26.73 -28.60
CA LEU A 669 -8.38 26.81 -27.80
C LEU A 669 -7.59 28.06 -28.14
N PHE A 670 -6.81 28.53 -27.16
CA PHE A 670 -5.95 29.68 -27.37
C PHE A 670 -4.58 29.27 -27.90
N THR A 671 -3.85 28.46 -27.13
CA THR A 671 -2.53 27.98 -27.54
C THR A 671 -2.27 26.68 -26.80
N LEU A 672 -2.14 25.59 -27.55
CA LEU A 672 -2.12 24.25 -26.97
C LEU A 672 -0.69 23.86 -26.61
N TYR A 673 -0.42 23.76 -25.31
CA TYR A 673 0.75 23.11 -24.73
C TYR A 673 0.51 22.99 -23.23
N PRO A 674 0.80 21.82 -22.63
CA PRO A 674 0.27 21.50 -21.30
C PRO A 674 0.43 22.57 -20.24
N ASN A 675 1.68 22.96 -19.94
CA ASN A 675 1.95 23.86 -18.82
C ASN A 675 1.58 25.30 -19.19
N ALA A 676 0.29 25.51 -19.43
CA ALA A 676 -0.24 26.80 -19.81
C ALA A 676 -1.31 27.23 -18.81
N ALA A 677 -1.31 28.52 -18.50
CA ALA A 677 -2.31 29.05 -17.57
C ALA A 677 -3.72 28.87 -18.12
N ILE A 678 -3.93 29.22 -19.39
CA ILE A 678 -5.22 29.06 -20.06
C ILE A 678 -4.97 28.37 -21.39
N ILE A 679 -5.72 27.30 -21.65
CA ILE A 679 -5.58 26.52 -22.87
C ILE A 679 -6.81 26.65 -23.77
N ALA A 680 -8.00 26.53 -23.19
CA ALA A 680 -9.22 26.68 -23.95
C ALA A 680 -10.32 27.22 -23.04
N LYS A 681 -11.22 28.00 -23.61
CA LYS A 681 -12.35 28.51 -22.86
C LYS A 681 -13.48 28.85 -23.83
N ILE A 682 -14.71 28.69 -23.35
CA ILE A 682 -15.89 28.92 -24.17
C ILE A 682 -16.17 30.41 -24.30
N ASN A 718 -33.43 22.78 -20.16
CA ASN A 718 -33.28 22.42 -18.75
C ASN A 718 -31.81 22.50 -18.32
N GLN A 719 -31.60 22.84 -17.05
CA GLN A 719 -30.24 23.05 -16.56
C GLN A 719 -29.42 21.77 -16.63
N GLN A 720 -30.00 20.64 -16.24
CA GLN A 720 -29.27 19.38 -16.24
C GLN A 720 -29.10 18.78 -17.63
N ALA A 721 -29.79 19.31 -18.64
CA ALA A 721 -29.56 18.87 -20.01
C ALA A 721 -28.22 19.36 -20.56
N ASP A 722 -27.61 20.36 -19.91
CA ASP A 722 -26.29 20.81 -20.30
C ASP A 722 -25.20 19.84 -19.86
N VAL A 723 -25.37 19.20 -18.71
CA VAL A 723 -24.39 18.25 -18.23
C VAL A 723 -24.30 17.06 -19.16
N TYR A 724 -25.42 16.65 -19.73
CA TYR A 724 -25.39 15.57 -20.72
C TYR A 724 -24.56 15.96 -21.93
N SER A 725 -24.72 17.19 -22.42
CA SER A 725 -23.93 17.65 -23.55
C SER A 725 -22.45 17.73 -23.18
N PHE A 726 -22.14 18.16 -21.96
CA PHE A 726 -20.75 18.21 -21.54
C PHE A 726 -20.16 16.80 -21.43
N GLY A 727 -20.95 15.83 -20.98
CA GLY A 727 -20.50 14.47 -20.98
C GLY A 727 -20.22 13.96 -22.38
N LEU A 728 -21.10 14.32 -23.33
CA LEU A 728 -20.84 13.96 -24.73
C LEU A 728 -19.55 14.60 -25.24
N LEU A 729 -19.33 15.86 -24.89
CA LEU A 729 -18.09 16.54 -25.28
C LEU A 729 -16.87 15.85 -24.67
N LEU A 730 -16.97 15.43 -23.40
CA LEU A 730 -15.85 14.73 -22.77
C LEU A 730 -15.62 13.38 -23.42
N TYR A 731 -16.69 12.70 -23.83
CA TYR A 731 -16.54 11.47 -24.59
C TYR A 731 -15.80 11.72 -25.91
N ASP A 732 -16.18 12.79 -26.61
CA ASP A 732 -15.53 13.11 -27.88
C ASP A 732 -14.13 13.68 -27.68
N ILE A 733 -13.79 14.09 -26.46
CA ILE A 733 -12.43 14.51 -26.16
C ILE A 733 -11.55 13.30 -25.90
N LEU A 734 -12.02 12.39 -25.05
CA LEU A 734 -11.26 11.18 -24.76
C LEU A 734 -11.07 10.34 -26.01
N THR A 735 -12.13 10.17 -26.78
CA THR A 735 -12.03 9.52 -28.08
C THR A 735 -11.75 10.59 -29.13
N THR A 736 -10.50 10.64 -29.60
CA THR A 736 -10.10 11.67 -30.56
C THR A 736 -10.72 11.32 -31.91
N GLY A 737 -12.02 11.60 -32.01
CA GLY A 737 -12.79 11.22 -33.18
C GLY A 737 -14.27 11.19 -32.83
N GLY A 738 -14.99 10.32 -33.54
CA GLY A 738 -16.43 10.22 -33.38
C GLY A 738 -17.21 11.29 -34.10
N ARG A 739 -16.55 12.16 -34.85
CA ARG A 739 -17.20 13.22 -35.60
C ARG A 739 -18.04 14.12 -34.70
N GLU A 752 -30.42 10.01 -33.71
CA GLU A 752 -31.17 9.21 -32.76
C GLU A 752 -30.24 8.65 -31.68
N LEU A 753 -28.97 8.45 -32.04
CA LEU A 753 -27.99 7.92 -31.11
C LEU A 753 -27.43 8.98 -30.16
N GLU A 754 -27.63 10.26 -30.45
CA GLU A 754 -27.13 11.32 -29.58
C GLU A 754 -27.78 11.23 -28.20
N ILE A 755 -29.09 11.45 -28.13
CA ILE A 755 -29.84 11.20 -26.89
C ILE A 755 -30.39 9.79 -27.01
N GLN A 756 -29.54 8.82 -26.70
CA GLN A 756 -29.93 7.42 -26.70
C GLN A 756 -29.50 6.70 -25.42
N GLY A 757 -28.35 7.04 -24.86
CA GLY A 757 -27.84 6.35 -23.70
C GLY A 757 -27.32 4.96 -23.98
N LYS A 758 -26.98 4.66 -25.23
CA LYS A 758 -26.50 3.33 -25.61
C LYS A 758 -25.30 3.45 -26.55
N LEU A 759 -24.46 4.45 -26.33
CA LEU A 759 -23.26 4.56 -27.15
C LEU A 759 -22.21 3.54 -26.70
N PRO A 760 -21.36 3.09 -27.61
CA PRO A 760 -20.34 2.10 -27.24
C PRO A 760 -19.33 2.67 -26.26
N ASP A 761 -18.73 1.79 -25.48
CA ASP A 761 -17.68 2.20 -24.57
C ASP A 761 -16.49 2.74 -25.36
N PRO A 762 -15.80 3.77 -24.85
CA PRO A 762 -14.73 4.41 -25.61
C PRO A 762 -13.65 3.44 -26.10
N VAL A 763 -13.03 2.69 -25.18
CA VAL A 763 -11.97 1.78 -25.58
C VAL A 763 -12.50 0.50 -26.19
N LYS A 764 -13.80 0.21 -26.04
CA LYS A 764 -14.34 -1.05 -26.56
C LYS A 764 -14.32 -1.06 -28.09
N GLU A 765 -14.73 0.03 -28.71
CA GLU A 765 -14.84 0.09 -30.17
C GLU A 765 -13.94 1.15 -30.79
N TYR A 766 -13.93 2.37 -30.23
CA TYR A 766 -13.14 3.45 -30.81
C TYR A 766 -11.63 3.24 -30.62
N GLY A 767 -11.23 2.32 -29.76
CA GLY A 767 -9.83 2.00 -29.60
C GLY A 767 -8.96 3.10 -29.03
N CYS A 768 -9.45 3.79 -28.00
CA CYS A 768 -8.66 4.82 -27.34
C CYS A 768 -7.81 4.22 -26.22
N ALA A 769 -6.87 5.01 -25.72
CA ALA A 769 -6.04 4.56 -24.61
C ALA A 769 -6.88 4.51 -23.34
N PRO A 770 -6.74 3.46 -22.54
CA PRO A 770 -7.56 3.34 -21.32
C PRO A 770 -7.27 4.46 -20.35
N TRP A 771 -8.33 4.91 -19.67
CA TRP A 771 -8.22 5.99 -18.70
C TRP A 771 -9.42 5.97 -17.75
N PRO A 772 -9.35 5.21 -16.66
CA PRO A 772 -10.48 5.16 -15.70
C PRO A 772 -10.72 6.52 -15.05
N MET A 773 -11.82 6.56 -14.28
CA MET A 773 -12.32 7.76 -13.61
C MET A 773 -12.72 8.86 -14.60
N VAL A 774 -12.62 8.57 -15.89
CA VAL A 774 -13.22 9.41 -16.91
C VAL A 774 -14.14 8.51 -17.73
N GLU A 775 -13.68 7.31 -18.03
CA GLU A 775 -14.54 6.30 -18.63
C GLU A 775 -15.72 5.98 -17.73
N LYS A 776 -15.61 6.25 -16.43
CA LYS A 776 -16.72 6.11 -15.50
C LYS A 776 -17.49 7.42 -15.37
N LEU A 777 -16.81 8.55 -15.46
CA LEU A 777 -17.50 9.85 -15.41
C LEU A 777 -18.46 10.01 -16.58
N ILE A 778 -18.09 9.51 -17.75
CA ILE A 778 -18.98 9.56 -18.90
C ILE A 778 -20.27 8.80 -18.60
N LYS A 779 -20.15 7.60 -18.05
CA LYS A 779 -21.33 6.81 -17.71
C LYS A 779 -22.15 7.50 -16.62
N GLN A 780 -21.48 8.12 -15.65
CA GLN A 780 -22.18 8.80 -14.57
C GLN A 780 -22.95 10.02 -15.07
N CYS A 781 -22.41 10.73 -16.05
CA CYS A 781 -23.03 11.93 -16.59
C CYS A 781 -23.92 11.66 -17.79
N LEU A 782 -23.99 10.42 -18.27
CA LEU A 782 -24.78 10.09 -19.46
C LEU A 782 -26.01 9.25 -19.13
N LYS A 783 -26.46 9.26 -17.88
CA LYS A 783 -27.64 8.48 -17.51
C LYS A 783 -28.89 9.06 -18.19
N GLU A 784 -29.79 8.17 -18.59
CA GLU A 784 -31.01 8.56 -19.30
C GLU A 784 -32.11 8.92 -18.29
N ASN A 785 -31.76 9.84 -17.39
CA ASN A 785 -32.70 10.33 -16.39
C ASN A 785 -32.27 11.72 -15.95
N PRO A 786 -32.97 12.78 -16.37
CA PRO A 786 -32.52 14.16 -16.14
C PRO A 786 -32.80 14.66 -14.73
N GLN A 787 -32.50 13.83 -13.73
CA GLN A 787 -32.68 14.22 -12.34
C GLN A 787 -31.52 13.86 -11.43
N GLU A 788 -30.67 12.91 -11.79
CA GLU A 788 -29.59 12.48 -10.92
C GLU A 788 -28.21 12.53 -11.58
N ARG A 789 -28.11 13.01 -12.81
CA ARG A 789 -26.80 13.21 -13.39
C ARG A 789 -26.08 14.31 -12.60
N PRO A 790 -24.77 14.19 -12.40
CA PRO A 790 -24.06 15.11 -11.50
C PRO A 790 -24.19 16.55 -11.98
N THR A 791 -24.30 17.46 -11.02
CA THR A 791 -24.30 18.88 -11.34
C THR A 791 -22.90 19.32 -11.75
N SER A 792 -22.84 20.45 -12.44
CA SER A 792 -21.58 20.89 -13.05
C SER A 792 -20.51 21.12 -11.99
N ALA A 793 -20.89 21.64 -10.82
CA ALA A 793 -19.92 21.82 -9.75
C ALA A 793 -19.30 20.49 -9.36
N GLN A 794 -20.13 19.47 -9.16
CA GLN A 794 -19.62 18.15 -8.79
C GLN A 794 -18.78 17.55 -9.90
N VAL A 795 -19.18 17.75 -11.17
CA VAL A 795 -18.45 17.15 -12.26
C VAL A 795 -17.06 17.77 -12.39
N PHE A 796 -16.95 19.09 -12.20
CA PHE A 796 -15.63 19.70 -12.20
C PHE A 796 -14.83 19.25 -11.00
N ASP A 797 -15.48 19.12 -9.83
CA ASP A 797 -14.77 18.70 -8.63
C ASP A 797 -14.15 17.32 -8.79
N ILE A 798 -14.90 16.38 -9.38
CA ILE A 798 -14.31 15.06 -9.61
C ILE A 798 -13.27 15.14 -10.73
N LEU A 799 -13.50 15.99 -11.74
CA LEU A 799 -12.60 16.04 -12.88
C LEU A 799 -11.20 16.51 -12.48
N ASN A 800 -11.12 17.50 -11.60
CA ASN A 800 -9.79 17.97 -11.19
C ASN A 800 -9.28 17.09 -10.04
N SER A 801 -8.40 16.14 -10.38
CA SER A 801 -7.77 15.27 -9.40
C SER A 801 -6.66 14.48 -10.09
N ALA A 802 -5.52 14.38 -9.41
CA ALA A 802 -4.40 13.62 -9.97
C ALA A 802 -4.73 12.14 -10.10
N GLU A 803 -5.43 11.59 -9.10
CA GLU A 803 -5.85 10.21 -9.18
C GLU A 803 -6.67 9.95 -10.44
N LEU A 804 -7.43 10.95 -10.89
CA LEU A 804 -8.11 10.83 -12.16
C LEU A 804 -7.15 11.00 -13.33
N VAL A 805 -6.22 11.97 -13.23
CA VAL A 805 -5.48 12.35 -14.42
C VAL A 805 -4.51 11.26 -14.84
N CYS A 806 -3.85 10.59 -13.88
CA CYS A 806 -2.79 9.65 -14.29
C CYS A 806 -3.29 8.21 -14.43
N LEU A 807 -3.48 7.52 -13.30
CA LEU A 807 -4.18 6.24 -13.17
C LEU A 807 -4.14 5.45 -14.46
N THR A 808 -2.94 5.10 -14.94
CA THR A 808 -2.78 4.61 -16.31
C THR A 808 -3.73 3.47 -16.63
N ARG A 809 -3.79 2.45 -15.77
CA ARG A 809 -4.70 1.33 -15.97
C ARG A 809 -5.23 0.87 -14.62
N ARG A 810 -6.32 0.08 -14.67
CA ARG A 810 -6.88 -0.51 -13.46
C ARG A 810 -7.51 -1.84 -13.86
N ILE A 811 -6.80 -2.93 -13.60
CA ILE A 811 -7.27 -4.26 -13.91
C ILE A 811 -7.92 -4.86 -12.67
N LEU A 812 -8.99 -5.62 -12.89
CA LEU A 812 -9.70 -6.28 -11.81
C LEU A 812 -9.57 -7.80 -11.94
N LEU A 813 -9.62 -8.48 -10.81
CA LEU A 813 -9.45 -9.92 -10.75
C LEU A 813 -10.67 -10.57 -10.11
N PRO A 814 -10.96 -11.82 -10.45
CA PRO A 814 -12.15 -12.48 -9.92
C PRO A 814 -12.11 -12.63 -8.40
N LYS A 815 -13.23 -13.08 -7.86
CA LYS A 815 -13.33 -13.27 -6.41
C LYS A 815 -12.47 -14.45 -5.97
N ASN A 816 -12.03 -14.40 -4.71
CA ASN A 816 -11.21 -15.44 -4.08
C ASN A 816 -10.02 -15.84 -4.94
N VAL A 817 -9.34 -14.84 -5.48
CA VAL A 817 -8.08 -15.04 -6.20
C VAL A 817 -7.02 -14.20 -5.51
N ILE A 818 -7.11 -14.09 -4.18
CA ILE A 818 -6.21 -13.24 -3.42
C ILE A 818 -4.77 -13.59 -3.73
N VAL A 819 -3.89 -12.58 -3.72
CA VAL A 819 -2.49 -12.72 -4.06
C VAL A 819 -1.64 -11.89 -3.11
N GLU A 820 -0.37 -12.28 -2.98
CA GLU A 820 0.54 -11.60 -2.08
C GLU A 820 1.94 -11.41 -2.68
N CYS A 821 2.14 -11.72 -3.95
CA CYS A 821 3.45 -11.56 -4.58
C CYS A 821 3.26 -11.41 -6.07
N MET A 822 4.03 -10.50 -6.67
CA MET A 822 3.90 -10.16 -8.08
C MET A 822 5.23 -9.61 -8.57
N VAL A 823 5.46 -9.71 -9.88
CA VAL A 823 6.72 -9.28 -10.48
C VAL A 823 6.46 -8.86 -11.91
N ALA A 824 7.15 -7.81 -12.35
CA ALA A 824 7.02 -7.30 -13.70
C ALA A 824 7.84 -8.15 -14.67
N THR A 825 7.97 -7.68 -15.91
CA THR A 825 8.74 -8.39 -16.93
C THR A 825 9.78 -7.47 -17.57
N SER A 833 3.20 -7.89 -19.60
CA SER A 833 3.03 -9.20 -18.97
C SER A 833 3.52 -9.17 -17.53
N ILE A 834 2.62 -9.46 -16.59
CA ILE A 834 2.92 -9.40 -15.17
C ILE A 834 2.61 -10.75 -14.55
N TRP A 835 3.59 -11.31 -13.83
CA TRP A 835 3.40 -12.58 -13.14
C TRP A 835 2.75 -12.35 -11.78
N LEU A 836 1.68 -13.07 -11.51
CA LEU A 836 0.95 -12.97 -10.26
C LEU A 836 1.03 -14.30 -9.51
N GLY A 837 1.44 -14.24 -8.25
CA GLY A 837 1.53 -15.43 -7.41
C GLY A 837 0.36 -15.49 -6.44
N CYS A 838 -0.42 -16.55 -6.54
CA CYS A 838 -1.59 -16.73 -5.70
C CYS A 838 -1.37 -17.82 -4.65
N THR A 841 -5.77 -20.46 -1.93
CA THR A 841 -5.87 -21.85 -1.48
C THR A 841 -4.57 -22.30 -0.83
N ASP A 842 -4.50 -23.58 -0.46
CA ASP A 842 -3.32 -24.15 0.18
C ASP A 842 -2.38 -24.81 -0.80
N ARG A 843 -2.69 -24.80 -2.09
CA ARG A 843 -1.80 -25.31 -3.12
C ARG A 843 -1.31 -24.14 -3.97
N GLY A 844 0.01 -24.00 -4.08
CA GLY A 844 0.59 -22.86 -4.77
C GLY A 844 0.31 -22.82 -6.25
N GLN A 845 -0.46 -21.82 -6.68
CA GLN A 845 -0.73 -21.60 -8.09
C GLN A 845 -0.36 -20.17 -8.45
N LEU A 846 0.25 -20.00 -9.62
CA LEU A 846 0.66 -18.70 -10.11
C LEU A 846 -0.15 -18.36 -11.35
N SER A 847 -0.41 -17.07 -11.55
CA SER A 847 -1.27 -16.60 -12.62
C SER A 847 -0.51 -15.60 -13.49
N PHE A 848 -0.44 -15.88 -14.78
CA PHE A 848 0.20 -15.00 -15.74
C PHE A 848 -0.80 -13.94 -16.18
N LEU A 849 -0.48 -12.67 -15.95
CA LEU A 849 -1.34 -11.56 -16.33
C LEU A 849 -0.65 -10.73 -17.39
N ASP A 850 -1.38 -10.39 -18.45
CA ASP A 850 -0.87 -9.61 -19.56
C ASP A 850 -1.57 -8.26 -19.62
N LEU A 851 -0.81 -7.21 -19.86
CA LEU A 851 -1.36 -5.86 -19.95
C LEU A 851 -1.40 -5.38 -21.40
N THR A 853 -6.37 -7.74 -24.96
CA THR A 853 -5.59 -8.62 -24.11
C THR A 853 -6.21 -8.72 -22.72
N GLU A 854 -5.38 -8.55 -21.69
CA GLU A 854 -5.82 -8.53 -20.29
C GLU A 854 -6.53 -9.82 -19.90
N GLY A 855 -6.07 -10.94 -20.46
CA GLY A 855 -6.60 -12.23 -20.08
C GLY A 855 -5.63 -13.01 -19.20
N TYR A 856 -5.92 -13.07 -17.91
CA TYR A 856 -4.98 -13.70 -16.98
C TYR A 856 -5.18 -15.21 -16.96
N THR A 857 -4.14 -15.91 -16.51
CA THR A 857 -4.19 -17.36 -16.40
C THR A 857 -3.91 -17.78 -14.96
N VAL A 861 1.75 -23.96 -9.03
CA VAL A 861 2.28 -25.22 -9.52
C VAL A 861 3.13 -25.90 -8.46
N ALA A 862 2.84 -25.58 -7.20
CA ALA A 862 3.59 -26.12 -6.07
C ALA A 862 2.63 -26.56 -4.98
N ASP A 863 3.09 -27.50 -4.15
CA ASP A 863 2.26 -27.98 -3.05
C ASP A 863 1.94 -26.87 -2.06
N SER A 864 2.93 -26.03 -1.76
CA SER A 864 2.75 -24.93 -0.84
C SER A 864 2.55 -23.63 -1.61
N ARG A 865 1.86 -22.68 -0.99
CA ARG A 865 1.55 -21.42 -1.65
C ARG A 865 2.80 -20.57 -1.84
N ILE A 866 2.83 -19.80 -2.92
CA ILE A 866 3.99 -19.00 -3.30
C ILE A 866 4.00 -17.70 -2.52
N LEU A 867 4.91 -17.58 -1.54
CA LEU A 867 4.93 -16.38 -0.71
C LEU A 867 5.61 -15.22 -1.42
N CYS A 868 6.76 -15.45 -2.03
CA CYS A 868 7.49 -14.39 -2.71
C CYS A 868 8.02 -14.91 -4.04
N LEU A 869 8.26 -13.98 -4.95
CA LEU A 869 8.53 -14.32 -6.34
C LEU A 869 9.34 -13.18 -6.97
N ALA A 870 10.28 -13.54 -7.84
CA ALA A 870 11.11 -12.54 -8.49
C ALA A 870 11.67 -13.10 -9.79
N LEU A 871 12.17 -12.19 -10.62
CA LEU A 871 12.68 -12.50 -11.95
C LEU A 871 14.20 -12.38 -12.00
N VAL A 872 14.81 -13.21 -12.86
CA VAL A 872 16.22 -13.07 -13.21
C VAL A 872 16.32 -13.07 -14.73
N HIS A 873 17.37 -12.43 -15.24
CA HIS A 873 17.57 -12.27 -16.67
C HIS A 873 18.97 -12.72 -17.05
N LEU A 874 19.07 -13.46 -18.16
CA LEU A 874 20.34 -13.93 -18.71
C LEU A 874 20.43 -13.44 -20.15
N PRO A 875 20.86 -12.19 -20.36
CA PRO A 875 20.96 -11.66 -21.73
C PRO A 875 21.96 -12.41 -22.60
N VAL A 876 22.92 -13.11 -22.00
CA VAL A 876 23.90 -13.85 -22.79
C VAL A 876 23.22 -14.96 -23.58
N GLU A 877 22.29 -15.68 -22.97
CA GLU A 877 21.58 -16.78 -23.61
C GLU A 877 20.16 -16.38 -24.03
N LYS A 878 19.87 -15.08 -24.08
CA LYS A 878 18.60 -14.52 -24.57
C LYS A 878 17.38 -15.23 -23.99
N GLU A 879 17.52 -15.83 -22.80
CA GLU A 879 16.42 -16.50 -22.14
C GLU A 879 16.28 -15.98 -20.73
N SER A 880 15.03 -15.86 -20.28
CA SER A 880 14.72 -15.34 -18.95
C SER A 880 14.08 -16.44 -18.12
N TRP A 881 14.67 -16.71 -16.97
CA TRP A 881 14.19 -17.70 -16.01
C TRP A 881 13.41 -16.98 -14.92
N ILE A 882 12.17 -17.38 -14.68
CA ILE A 882 11.34 -16.78 -13.64
C ILE A 882 11.22 -17.77 -12.49
N VAL A 883 11.62 -17.34 -11.30
CA VAL A 883 11.79 -18.23 -10.16
C VAL A 883 10.87 -17.78 -9.03
N SER A 884 10.22 -18.74 -8.40
CA SER A 884 9.25 -18.48 -7.34
C SER A 884 9.63 -19.26 -6.08
N GLY A 885 9.39 -18.66 -4.92
CA GLY A 885 9.66 -19.28 -3.64
C GLY A 885 8.41 -19.85 -3.00
N THR A 886 8.56 -21.01 -2.37
CA THR A 886 7.43 -21.75 -1.81
C THR A 886 7.69 -22.05 -0.35
N GLN A 887 6.60 -22.30 0.39
CA GLN A 887 6.72 -22.57 1.82
C GLN A 887 7.48 -23.86 2.09
N SER A 888 7.29 -24.86 1.23
CA SER A 888 8.08 -26.08 1.33
C SER A 888 9.53 -25.86 0.88
N GLY A 889 9.84 -24.72 0.29
CA GLY A 889 11.18 -24.39 -0.12
C GLY A 889 11.59 -24.93 -1.48
N THR A 890 10.65 -25.43 -2.27
CA THR A 890 10.95 -26.00 -3.59
C THR A 890 10.96 -24.86 -4.61
N LEU A 891 12.13 -24.26 -4.80
CA LEU A 891 12.26 -23.21 -5.81
C LEU A 891 11.97 -23.78 -7.19
N LEU A 892 11.36 -22.95 -8.03
CA LEU A 892 10.94 -23.36 -9.37
C LEU A 892 11.68 -22.54 -10.42
N VAL A 893 12.06 -23.19 -11.52
CA VAL A 893 12.75 -22.55 -12.62
C VAL A 893 11.91 -22.79 -13.87
N ILE A 894 11.29 -21.72 -14.38
CA ILE A 894 10.54 -21.75 -15.63
C ILE A 894 10.88 -20.48 -16.41
N ASN A 895 10.59 -20.49 -17.70
CA ASN A 895 10.88 -19.36 -18.57
C ASN A 895 9.60 -18.63 -18.96
N THR A 896 9.76 -17.37 -19.32
CA THR A 896 8.60 -16.52 -19.61
C THR A 896 7.96 -16.85 -20.94
N GLU A 897 8.76 -17.32 -21.91
CA GLU A 897 8.20 -17.57 -23.24
C GLU A 897 7.35 -18.83 -23.28
N ASP A 898 7.62 -19.79 -22.40
CA ASP A 898 6.79 -20.98 -22.31
C ASP A 898 6.95 -21.60 -20.94
N GLY A 899 5.88 -22.20 -20.43
CA GLY A 899 5.93 -22.83 -19.13
C GLY A 899 6.25 -24.30 -19.20
N LYS A 900 6.81 -24.74 -20.33
CA LYS A 900 7.06 -26.16 -20.55
C LYS A 900 8.41 -26.60 -19.97
N LYS A 901 9.48 -25.89 -20.30
CA LYS A 901 10.81 -26.24 -19.80
C LYS A 901 10.90 -25.84 -18.33
N ARG A 902 10.60 -26.78 -17.44
CA ARG A 902 10.54 -26.53 -16.01
C ARG A 902 11.66 -27.28 -15.31
N HIS A 903 12.26 -26.62 -14.31
CA HIS A 903 13.29 -27.23 -13.48
C HIS A 903 13.17 -26.67 -12.08
N THR A 904 13.78 -27.37 -11.12
CA THR A 904 13.71 -26.98 -9.72
C THR A 904 15.11 -26.89 -9.15
N LEU A 905 15.24 -26.07 -8.10
CA LEU A 905 16.47 -26.00 -7.32
C LEU A 905 16.30 -26.82 -6.03
N GLU A 906 17.32 -26.81 -5.20
CA GLU A 906 17.36 -27.67 -4.01
C GLU A 906 17.64 -26.86 -2.75
N LYS A 907 17.06 -25.67 -2.65
CA LYS A 907 17.28 -24.86 -1.45
C LYS A 907 16.57 -25.47 -0.24
N MET A 908 15.25 -25.54 -0.29
CA MET A 908 14.41 -26.19 0.73
C MET A 908 14.78 -25.64 2.11
N THR A 909 14.53 -26.44 3.15
CA THR A 909 14.91 -26.25 4.55
C THR A 909 14.12 -25.16 5.26
N ASP A 910 13.29 -24.40 4.56
CA ASP A 910 12.42 -23.39 5.16
C ASP A 910 11.48 -22.87 4.07
N SER A 911 10.78 -21.78 4.39
CA SER A 911 9.87 -21.11 3.47
C SER A 911 10.61 -19.93 2.85
N VAL A 912 10.91 -20.02 1.56
CA VAL A 912 11.57 -18.92 0.86
C VAL A 912 10.70 -17.68 0.96
N THR A 913 11.29 -16.58 1.44
CA THR A 913 10.54 -15.36 1.70
C THR A 913 10.92 -14.19 0.81
N CYS A 914 11.98 -14.31 0.00
CA CYS A 914 12.38 -13.21 -0.88
C CYS A 914 13.38 -13.72 -1.91
N LEU A 915 13.16 -13.37 -3.17
CA LEU A 915 14.11 -13.61 -4.24
C LEU A 915 14.52 -12.27 -4.84
N TYR A 916 15.74 -12.20 -5.36
CA TYR A 916 16.24 -10.95 -5.92
C TYR A 916 17.36 -11.26 -6.90
N CYS A 917 17.49 -10.42 -7.91
CA CYS A 917 18.54 -10.59 -8.90
C CYS A 917 19.40 -9.33 -9.00
N LEU A 930 21.22 -14.27 -8.41
CA LEU A 930 20.03 -14.69 -7.69
C LEU A 930 20.30 -14.84 -6.20
N LEU A 931 19.42 -14.28 -5.38
CA LEU A 931 19.50 -14.39 -3.94
C LEU A 931 18.24 -15.06 -3.42
N VAL A 932 18.34 -15.64 -2.22
CA VAL A 932 17.22 -16.30 -1.57
C VAL A 932 17.25 -15.95 -0.08
N GLY A 933 16.10 -15.57 0.47
CA GLY A 933 16.01 -15.31 1.89
C GLY A 933 14.99 -16.20 2.57
N THR A 934 15.46 -17.12 3.41
CA THR A 934 14.61 -18.11 4.04
C THR A 934 14.11 -17.60 5.39
N ALA A 935 13.52 -18.51 6.18
CA ALA A 935 12.97 -18.16 7.47
C ALA A 935 13.93 -18.36 8.63
N ASP A 936 14.99 -19.13 8.44
CA ASP A 936 15.99 -19.34 9.48
C ASP A 936 17.08 -18.29 9.47
N GLY A 937 16.98 -17.28 8.61
CA GLY A 937 18.02 -16.30 8.44
C GLY A 937 19.06 -16.66 7.41
N LYS A 938 19.07 -17.90 6.94
CA LYS A 938 20.00 -18.30 5.90
C LYS A 938 19.69 -17.56 4.61
N LEU A 939 20.75 -17.20 3.88
CA LEU A 939 20.60 -16.60 2.56
C LEU A 939 21.52 -17.33 1.60
N ALA A 940 20.99 -17.69 0.44
CA ALA A 940 21.72 -18.48 -0.54
C ALA A 940 21.94 -17.66 -1.80
N ILE A 941 23.18 -17.26 -2.03
CA ILE A 941 23.54 -16.59 -3.27
C ILE A 941 23.59 -17.62 -4.38
N PHE A 942 23.25 -17.19 -5.59
CA PHE A 942 23.26 -18.06 -6.75
C PHE A 942 23.95 -17.36 -7.91
N GLU A 943 24.79 -18.11 -8.62
CA GLU A 943 25.38 -17.58 -9.84
C GLU A 943 24.32 -17.49 -10.93
N ASP A 944 24.51 -16.54 -11.85
CA ASP A 944 23.51 -16.28 -12.86
C ASP A 944 23.29 -17.49 -13.77
N LYS A 945 24.36 -18.21 -14.09
CA LYS A 945 24.28 -19.32 -15.03
C LYS A 945 23.99 -20.65 -14.37
N THR A 946 23.79 -20.68 -13.05
CA THR A 946 23.51 -21.93 -12.36
C THR A 946 22.03 -22.33 -12.41
N VAL A 947 21.15 -21.42 -12.81
CA VAL A 947 19.71 -21.69 -12.72
C VAL A 947 19.28 -22.75 -13.71
N LYS A 948 19.94 -22.86 -14.86
CA LYS A 948 19.54 -23.86 -15.85
C LYS A 948 19.76 -25.28 -15.35
N LEU A 949 20.82 -25.50 -14.57
CA LEU A 949 21.11 -26.84 -14.07
C LEU A 949 20.06 -27.27 -13.05
N LYS A 950 19.71 -28.55 -13.08
CA LYS A 950 18.70 -29.10 -12.18
C LYS A 950 19.28 -29.21 -10.78
N GLY A 951 18.56 -28.67 -9.80
CA GLY A 951 18.96 -28.78 -8.41
C GLY A 951 20.33 -28.20 -8.15
N ALA A 952 20.59 -27.00 -8.68
CA ALA A 952 21.91 -26.40 -8.54
C ALA A 952 22.15 -25.98 -7.10
N ALA A 953 23.35 -26.25 -6.62
CA ALA A 953 23.72 -25.83 -5.28
C ALA A 953 24.04 -24.34 -5.26
N PRO A 954 23.77 -23.66 -4.15
CA PRO A 954 24.18 -22.26 -4.03
C PRO A 954 25.70 -22.13 -4.07
N LEU A 955 26.16 -20.96 -4.54
CA LEU A 955 27.60 -20.70 -4.55
C LEU A 955 28.16 -20.72 -3.14
N LYS A 956 27.45 -20.12 -2.19
CA LYS A 956 27.87 -20.14 -0.80
C LYS A 956 26.66 -19.83 0.08
N ILE A 957 26.36 -20.74 1.00
CA ILE A 957 25.25 -20.54 1.93
C ILE A 957 25.71 -19.60 3.03
N LEU A 958 25.01 -18.50 3.21
CA LEU A 958 25.31 -17.52 4.25
C LEU A 958 24.20 -17.58 5.29
N ASN A 959 24.60 -17.66 6.55
CA ASN A 959 23.66 -17.72 7.67
C ASN A 959 23.74 -16.44 8.48
N ILE A 960 22.56 -15.94 8.87
CA ILE A 960 22.47 -14.70 9.63
C ILE A 960 22.05 -14.99 11.06
N GLY A 961 20.88 -15.61 11.22
CA GLY A 961 20.34 -15.86 12.54
C GLY A 961 19.72 -17.22 12.71
N ASN A 962 18.59 -17.28 13.40
CA ASN A 962 17.92 -18.53 13.74
C ASN A 962 16.54 -18.57 13.08
N VAL A 963 15.77 -19.60 13.43
CA VAL A 963 14.47 -19.82 12.80
C VAL A 963 13.53 -18.66 13.13
N SER A 964 13.64 -18.10 14.34
CA SER A 964 12.79 -16.99 14.73
C SER A 964 13.09 -15.72 13.96
N THR A 965 14.19 -15.67 13.22
CA THR A 965 14.56 -14.48 12.43
C THR A 965 14.53 -14.83 10.95
N PRO A 966 13.49 -14.41 10.21
CA PRO A 966 13.46 -14.66 8.77
C PRO A 966 14.03 -13.50 7.95
N LEU A 967 14.79 -13.86 6.91
CA LEU A 967 15.34 -12.89 5.97
C LEU A 967 14.35 -12.75 4.81
N MET A 968 13.70 -11.59 4.72
CA MET A 968 12.60 -11.40 3.78
C MET A 968 12.76 -10.16 2.90
N CYS A 969 13.89 -9.46 2.97
CA CYS A 969 14.06 -8.23 2.21
C CYS A 969 15.46 -8.16 1.62
N LEU A 970 15.54 -7.77 0.35
CA LEU A 970 16.81 -7.57 -0.33
C LEU A 970 16.64 -6.43 -1.32
N SER A 971 17.57 -5.47 -1.31
CA SER A 971 17.45 -4.27 -2.13
C SER A 971 18.78 -3.97 -2.80
N GLU A 972 18.70 -3.30 -3.94
CA GLU A 972 19.88 -2.86 -4.69
C GLU A 972 20.15 -1.38 -4.40
N SER A 973 21.40 -1.08 -4.08
CA SER A 973 21.79 0.30 -3.80
C SER A 973 22.05 1.08 -5.08
N ASN A 980 27.47 -0.97 -5.96
CA ASN A 980 27.12 -2.39 -5.99
C ASN A 980 27.31 -3.05 -4.64
N VAL A 981 26.50 -2.65 -3.67
CA VAL A 981 26.50 -3.23 -2.33
C VAL A 981 25.07 -3.54 -1.93
N MET A 982 24.79 -4.81 -1.66
CA MET A 982 23.44 -5.22 -1.27
C MET A 982 23.10 -4.72 0.13
N TRP A 983 21.81 -4.73 0.42
CA TRP A 983 21.30 -4.39 1.75
C TRP A 983 20.09 -5.26 2.04
N GLY A 984 19.80 -5.45 3.31
CA GLY A 984 18.67 -6.28 3.69
C GLY A 984 18.62 -6.46 5.19
N GLY A 985 17.48 -6.94 5.67
CA GLY A 985 17.27 -7.17 7.08
C GLY A 985 16.70 -8.55 7.33
N CYS A 986 16.97 -9.04 8.53
CA CYS A 986 16.47 -10.33 8.97
C CYS A 986 16.01 -10.22 10.41
N GLY A 987 14.83 -10.77 10.72
CA GLY A 987 14.27 -10.63 12.04
C GLY A 987 14.18 -9.18 12.44
N THR A 988 14.99 -8.75 13.40
CA THR A 988 15.19 -7.34 13.69
C THR A 988 16.70 -7.07 13.74
N LYS A 989 17.29 -6.91 12.56
CA LYS A 989 18.68 -6.49 12.39
C LYS A 989 18.97 -6.28 10.91
N ILE A 990 19.85 -5.34 10.60
CA ILE A 990 20.21 -5.03 9.23
C ILE A 990 21.64 -5.49 8.98
N PHE A 991 21.96 -5.78 7.72
CA PHE A 991 23.30 -6.21 7.34
C PHE A 991 23.69 -5.49 6.06
N SER A 992 24.81 -5.92 5.47
CA SER A 992 25.32 -5.33 4.25
C SER A 992 26.28 -6.30 3.58
N PHE A 993 26.25 -6.34 2.25
CA PHE A 993 27.11 -7.24 1.49
C PHE A 993 28.41 -6.55 1.10
N SER A 994 29.15 -7.21 0.22
CA SER A 994 30.35 -6.67 -0.41
C SER A 994 30.49 -7.33 -1.78
N ASN A 995 31.65 -7.15 -2.41
CA ASN A 995 31.87 -7.77 -3.72
C ASN A 995 32.16 -9.25 -3.62
N ASP A 996 32.62 -9.74 -2.46
CA ASP A 996 32.96 -11.14 -2.28
C ASP A 996 31.88 -11.91 -1.52
N PHE A 997 30.69 -11.33 -1.38
CA PHE A 997 29.55 -11.99 -0.73
C PHE A 997 29.86 -12.35 0.72
N THR A 998 30.22 -11.33 1.50
CA THR A 998 30.39 -11.47 2.94
C THR A 998 29.72 -10.29 3.63
N ILE A 999 29.15 -10.55 4.80
CA ILE A 999 28.55 -9.47 5.57
C ILE A 999 29.66 -8.54 6.05
N GLN A 1000 29.42 -7.23 5.95
CA GLN A 1000 30.37 -6.22 6.35
C GLN A 1000 29.92 -5.45 7.58
N LYS A 1001 28.73 -4.89 7.53
CA LYS A 1001 28.11 -4.23 8.67
C LYS A 1001 26.90 -5.03 9.11
N LEU A 1002 26.62 -5.03 10.42
CA LEU A 1002 25.45 -5.71 10.95
C LEU A 1002 24.92 -4.88 12.12
N ILE A 1003 23.94 -4.04 11.83
CA ILE A 1003 23.33 -3.16 12.83
C ILE A 1003 22.09 -3.85 13.39
N GLU A 1004 21.80 -3.58 14.65
CA GLU A 1004 20.63 -4.14 15.32
C GLU A 1004 19.55 -3.07 15.35
N THR A 1005 18.42 -3.35 14.70
CA THR A 1005 17.29 -2.43 14.68
C THR A 1005 16.29 -2.70 15.79
N ARG A 1006 16.56 -3.68 16.65
CA ARG A 1006 15.79 -3.83 17.88
C ARG A 1006 15.88 -2.57 18.72
N THR A 1007 16.99 -1.84 18.62
CA THR A 1007 17.17 -0.61 19.38
C THR A 1007 16.22 0.49 18.96
N SER A 1008 15.50 0.31 17.84
CA SER A 1008 14.43 1.24 17.50
C SER A 1008 13.28 1.18 18.48
N GLN A 1009 13.17 0.10 19.27
CA GLN A 1009 12.07 -0.05 20.22
C GLN A 1009 12.11 0.98 21.33
N LEU A 1010 13.24 1.68 21.52
CA LEU A 1010 13.25 2.81 22.45
C LEU A 1010 12.32 3.91 22.00
N PHE A 1011 11.96 3.93 20.72
CA PHE A 1011 10.91 4.80 20.20
C PHE A 1011 9.75 3.92 19.72
N SER A 1012 8.59 4.56 19.56
CA SER A 1012 7.39 3.89 19.07
C SER A 1012 6.99 2.72 19.97
N TYR A 1013 6.25 1.77 19.42
CA TYR A 1013 5.78 0.61 20.17
C TYR A 1013 6.74 -0.55 20.03
N ALA A 1014 7.00 -1.24 21.15
CA ALA A 1014 7.75 -2.48 21.08
C ALA A 1014 6.99 -3.55 20.29
N ALA A 1015 5.65 -3.49 20.32
CA ALA A 1015 4.85 -4.45 19.56
C ALA A 1015 5.07 -4.30 18.07
N PHE A 1016 5.42 -3.10 17.61
CA PHE A 1016 5.77 -2.90 16.20
C PHE A 1016 7.25 -3.13 15.94
N SER A 1017 8.12 -2.59 16.80
CA SER A 1017 9.55 -2.70 16.57
C SER A 1017 10.02 -4.15 16.60
N ASP A 1018 9.53 -4.94 17.56
CA ASP A 1018 9.94 -6.33 17.70
C ASP A 1018 9.20 -7.22 16.70
N SER A 1019 9.42 -6.93 15.43
CA SER A 1019 8.75 -7.63 14.35
C SER A 1019 9.76 -7.90 13.24
N ASN A 1020 9.37 -8.75 12.30
CA ASN A 1020 10.22 -9.03 11.15
C ASN A 1020 10.18 -7.86 10.17
N ILE A 1021 11.23 -7.75 9.36
CA ILE A 1021 11.25 -6.79 8.25
C ILE A 1021 10.39 -7.32 7.12
N ILE A 1022 9.57 -6.45 6.53
CA ILE A 1022 8.84 -6.84 5.33
C ILE A 1022 9.65 -6.49 4.09
N THR A 1023 10.08 -5.23 3.98
CA THR A 1023 10.81 -4.77 2.81
C THR A 1023 11.79 -3.68 3.22
N VAL A 1024 12.85 -3.54 2.44
CA VAL A 1024 13.83 -2.47 2.62
C VAL A 1024 14.06 -1.80 1.26
N VAL A 1025 14.15 -0.48 1.27
CA VAL A 1025 14.55 0.29 0.10
C VAL A 1025 15.70 1.19 0.51
N VAL A 1026 16.77 1.19 -0.28
CA VAL A 1026 18.03 1.82 0.10
C VAL A 1026 18.27 3.02 -0.79
N ASP A 1027 18.05 4.20 -0.23
CA ASP A 1027 18.54 5.46 -0.73
C ASP A 1027 19.74 5.87 0.11
N THR A 1028 20.17 7.13 -0.01
CA THR A 1028 21.19 7.66 0.89
C THR A 1028 20.87 7.33 2.35
N ALA A 1029 19.59 7.27 2.70
CA ALA A 1029 19.15 6.74 3.98
C ALA A 1029 18.43 5.42 3.76
N LEU A 1030 18.23 4.68 4.85
CA LEU A 1030 17.66 3.35 4.81
C LEU A 1030 16.23 3.36 5.31
N TYR A 1031 15.32 2.76 4.54
CA TYR A 1031 13.90 2.70 4.88
C TYR A 1031 13.47 1.24 4.97
N ILE A 1032 13.08 0.81 6.17
CA ILE A 1032 12.62 -0.54 6.42
C ILE A 1032 11.23 -0.49 7.05
N ALA A 1033 10.37 -1.43 6.67
CA ALA A 1033 9.00 -1.50 7.16
C ALA A 1033 8.81 -2.78 7.95
N LYS A 1034 8.37 -2.64 9.20
CA LYS A 1034 8.18 -3.77 10.10
C LYS A 1034 6.83 -4.44 9.85
N GLN A 1035 6.73 -5.69 10.28
CA GLN A 1035 5.50 -6.46 10.10
C GLN A 1035 4.40 -5.91 11.01
N ASN A 1036 3.23 -5.63 10.42
CA ASN A 1036 2.08 -5.11 11.15
C ASN A 1036 2.45 -3.87 11.96
N SER A 1037 3.24 -2.99 11.36
CA SER A 1037 3.72 -1.80 12.02
C SER A 1037 3.29 -0.56 11.24
N PRO A 1038 2.50 0.34 11.82
CA PRO A 1038 2.20 1.61 11.16
C PRO A 1038 3.32 2.64 11.26
N VAL A 1039 4.51 2.25 11.68
CA VAL A 1039 5.64 3.16 11.84
C VAL A 1039 6.76 2.69 10.92
N VAL A 1040 7.26 3.60 10.10
CA VAL A 1040 8.40 3.35 9.23
C VAL A 1040 9.57 4.18 9.75
N GLU A 1041 10.71 3.54 9.95
CA GLU A 1041 11.88 4.22 10.49
C GLU A 1041 12.88 4.52 9.39
N VAL A 1042 13.74 5.50 9.67
CA VAL A 1042 14.78 5.93 8.73
C VAL A 1042 16.12 5.62 9.37
N TRP A 1043 16.91 4.78 8.70
CA TRP A 1043 18.20 4.35 9.21
C TRP A 1043 19.31 4.98 8.36
N ASP A 1044 20.39 5.40 9.03
CA ASP A 1044 21.53 5.99 8.36
C ASP A 1044 22.56 4.91 8.08
N LYS A 1045 22.89 4.72 6.80
CA LYS A 1045 23.80 3.66 6.40
C LYS A 1045 25.24 3.92 6.84
N LYS A 1046 25.57 5.16 7.23
CA LYS A 1046 26.94 5.50 7.58
C LYS A 1046 27.19 5.40 9.09
N THR A 1047 26.42 6.14 9.89
CA THR A 1047 26.63 6.14 11.33
C THR A 1047 26.05 4.89 12.01
N GLU A 1048 25.32 4.06 11.28
CA GLU A 1048 24.73 2.84 11.81
C GLU A 1048 23.84 3.12 13.02
N LYS A 1049 23.07 4.20 12.93
CA LYS A 1049 22.15 4.57 14.01
C LYS A 1049 20.91 5.19 13.41
N LEU A 1050 19.83 5.19 14.20
CA LEU A 1050 18.58 5.77 13.76
C LEU A 1050 18.72 7.27 13.55
N CYS A 1051 18.08 7.78 12.50
CA CYS A 1051 18.15 9.20 12.18
C CYS A 1051 16.80 9.84 11.91
N GLY A 1052 15.71 9.10 12.01
CA GLY A 1052 14.40 9.67 11.79
C GLY A 1052 13.34 8.60 11.84
N LEU A 1053 12.10 9.06 11.98
CA LEU A 1053 10.93 8.18 12.00
C LEU A 1053 9.86 8.74 11.08
N ILE A 1054 9.05 7.84 10.52
CA ILE A 1054 7.93 8.21 9.67
C ILE A 1054 6.69 7.53 10.22
N ASP A 1055 5.72 8.32 10.64
CA ASP A 1055 4.48 7.81 11.23
C ASP A 1055 3.41 7.77 10.15
N CYS A 1056 3.11 6.57 9.66
CA CYS A 1056 2.13 6.43 8.58
C CYS A 1056 0.73 6.85 9.03
N VAL A 1057 0.32 6.46 10.24
CA VAL A 1057 -1.00 6.86 10.72
C VAL A 1057 -1.09 8.36 10.97
N HIS A 1058 0.03 9.02 11.27
CA HIS A 1058 0.02 10.48 11.43
C HIS A 1058 -0.35 11.18 10.13
N PHE A 1059 0.13 10.65 9.00
CA PHE A 1059 -0.30 11.17 7.71
C PHE A 1059 -1.73 10.72 7.37
N LEU A 1060 -2.09 9.51 7.77
CA LEU A 1060 -3.36 8.95 7.35
C LEU A 1060 -4.55 9.61 8.04
N ARG A 1061 -4.40 10.01 9.31
CA ARG A 1061 -5.52 10.55 10.06
C ARG A 1061 -5.93 11.95 9.62
N GLU A 1062 -5.17 12.60 8.76
CA GLU A 1062 -5.56 13.88 8.18
C GLU A 1062 -6.45 13.72 6.97
N VAL A 1063 -6.76 12.50 6.56
CA VAL A 1063 -7.68 12.26 5.45
C VAL A 1063 -8.80 11.33 5.92
N TYR A 1077 -9.16 1.43 6.31
CA TYR A 1077 -8.34 2.37 7.06
C TYR A 1077 -7.73 1.70 8.28
N SER A 1078 -6.45 1.37 8.18
CA SER A 1078 -5.73 0.75 9.29
C SER A 1078 -4.43 1.46 9.63
N GLY A 1079 -3.69 1.94 8.63
CA GLY A 1079 -2.46 2.64 8.85
C GLY A 1079 -1.22 1.78 8.96
N ARG A 1080 -1.37 0.47 9.12
CA ARG A 1080 -0.21 -0.40 9.23
C ARG A 1080 0.49 -0.54 7.88
N VAL A 1081 1.79 -0.28 7.87
CA VAL A 1081 2.54 -0.28 6.62
C VAL A 1081 2.61 -1.68 6.05
N LYS A 1082 2.52 -1.79 4.73
CA LYS A 1082 2.61 -3.07 4.04
C LYS A 1082 3.81 -3.17 3.12
N THR A 1083 4.02 -2.20 2.24
CA THR A 1083 5.16 -2.21 1.33
C THR A 1083 5.74 -0.81 1.20
N LEU A 1084 7.00 -0.77 0.78
CA LEU A 1084 7.70 0.48 0.51
C LEU A 1084 8.22 0.46 -0.93
N CYS A 1085 8.12 1.61 -1.59
CA CYS A 1085 8.62 1.76 -2.96
C CYS A 1085 9.41 3.06 -3.05
N LEU A 1086 10.59 2.99 -3.65
CA LEU A 1086 11.42 4.16 -3.89
C LEU A 1086 11.50 4.41 -5.38
N GLN A 1087 11.35 5.67 -5.78
CA GLN A 1087 11.27 6.04 -7.19
C GLN A 1087 12.41 6.99 -7.54
N LYS A 1088 13.27 6.55 -8.48
CA LYS A 1088 14.29 7.38 -9.11
C LYS A 1088 15.06 8.24 -8.11
N ASN A 1089 15.01 9.56 -8.30
CA ASN A 1089 15.81 10.47 -7.48
C ASN A 1089 15.16 10.74 -6.13
N THR A 1090 13.95 11.32 -6.13
CA THR A 1090 13.33 11.70 -4.87
C THR A 1090 11.82 11.60 -5.03
N ALA A 1091 11.28 10.43 -4.66
CA ALA A 1091 9.85 10.22 -4.47
C ALA A 1091 9.63 8.89 -3.75
N LEU A 1092 8.95 8.92 -2.61
CA LEU A 1092 8.77 7.73 -1.77
C LEU A 1092 7.30 7.33 -1.78
N TRP A 1093 7.04 6.05 -2.06
CA TRP A 1093 5.69 5.51 -2.09
C TRP A 1093 5.53 4.54 -0.93
N ILE A 1094 4.50 4.77 -0.11
CA ILE A 1094 4.28 4.00 1.10
C ILE A 1094 2.89 3.38 1.04
N GLY A 1095 2.81 2.07 1.33
CA GLY A 1095 1.55 1.39 1.38
C GLY A 1095 0.85 1.59 2.72
N THR A 1096 -0.23 0.82 2.90
CA THR A 1096 -0.98 0.86 4.15
C THR A 1096 -1.85 -0.38 4.23
N GLY A 1097 -2.04 -0.91 5.44
CA GLY A 1097 -2.81 -2.13 5.61
C GLY A 1097 -4.22 -2.02 5.04
N GLY A 1098 -4.87 -0.88 5.26
CA GLY A 1098 -6.15 -0.62 4.65
C GLY A 1098 -6.00 -0.33 3.17
N GLY A 1099 -7.03 0.29 2.61
CA GLY A 1099 -6.94 0.70 1.22
C GLY A 1099 -6.38 2.12 1.12
N HIS A 1100 -5.09 2.22 0.87
CA HIS A 1100 -4.44 3.54 0.86
C HIS A 1100 -3.15 3.45 0.07
N ILE A 1101 -2.65 4.62 -0.32
CA ILE A 1101 -1.33 4.78 -0.92
C ILE A 1101 -0.79 6.12 -0.44
N LEU A 1102 0.44 6.11 0.07
CA LEU A 1102 1.06 7.32 0.59
C LEU A 1102 2.21 7.74 -0.32
N LEU A 1103 2.27 9.04 -0.62
CA LEU A 1103 3.36 9.62 -1.38
C LEU A 1103 4.15 10.55 -0.49
N LEU A 1104 5.47 10.38 -0.47
CA LEU A 1104 6.34 11.19 0.35
C LEU A 1104 7.43 11.83 -0.51
N ASP A 1105 7.97 12.93 -0.01
CA ASP A 1105 9.06 13.65 -0.66
C ASP A 1105 10.29 13.54 0.24
N LEU A 1106 11.31 12.82 -0.23
CA LEU A 1106 12.47 12.57 0.61
C LEU A 1106 13.22 13.84 0.97
N SER A 1107 13.01 14.92 0.22
CA SER A 1107 13.68 16.17 0.55
C SER A 1107 13.27 16.69 1.93
N THR A 1108 11.97 16.60 2.24
CA THR A 1108 11.47 17.10 3.51
C THR A 1108 10.55 16.11 4.23
N ARG A 1109 10.37 14.91 3.71
CA ARG A 1109 9.50 13.89 4.33
C ARG A 1109 8.11 14.43 4.58
N ARG A 1110 7.55 15.10 3.57
CA ARG A 1110 6.24 15.70 3.65
C ARG A 1110 5.28 14.99 2.70
N LEU A 1111 4.03 14.86 3.13
CA LEU A 1111 3.02 14.19 2.33
C LEU A 1111 2.73 14.97 1.05
N ILE A 1112 2.58 14.25 -0.06
CA ILE A 1112 2.23 14.87 -1.32
C ILE A 1112 0.72 14.72 -1.55
N ARG A 1113 0.24 13.48 -1.53
CA ARG A 1113 -1.19 13.22 -1.72
C ARG A 1113 -1.49 11.81 -1.25
N VAL A 1114 -2.50 11.68 -0.38
CA VAL A 1114 -2.92 10.36 0.09
C VAL A 1114 -3.83 9.73 -0.95
N ILE A 1115 -3.23 8.98 -1.87
CA ILE A 1115 -4.02 8.32 -2.91
C ILE A 1115 -4.81 7.19 -2.27
N TYR A 1116 -6.11 7.16 -2.52
CA TYR A 1116 -6.99 6.12 -1.98
C TYR A 1116 -7.23 5.08 -3.05
N ASN A 1117 -6.63 3.90 -2.87
CA ASN A 1117 -6.88 2.79 -3.76
C ASN A 1117 -8.32 2.31 -3.58
N PHE A 1118 -8.97 1.98 -4.70
CA PHE A 1118 -10.37 1.55 -4.69
C PHE A 1118 -10.47 0.07 -4.32
N CYS A 1119 -9.92 -0.26 -3.16
CA CYS A 1119 -9.93 -1.63 -2.67
C CYS A 1119 -9.81 -1.60 -1.15
N ASN A 1120 -10.17 -2.73 -0.53
CA ASN A 1120 -10.17 -2.82 0.93
C ASN A 1120 -8.77 -2.66 1.48
N SER A 1121 -7.78 -3.28 0.85
CA SER A 1121 -6.41 -3.30 1.35
C SER A 1121 -5.45 -3.21 0.17
N VAL A 1122 -4.16 -3.05 0.49
CA VAL A 1122 -3.09 -3.11 -0.50
C VAL A 1122 -2.06 -4.12 -0.01
N ARG A 1123 -1.47 -4.87 -0.94
CA ARG A 1123 -0.57 -5.95 -0.58
C ARG A 1123 0.86 -5.72 -1.05
N VAL A 1124 1.09 -5.47 -2.33
CA VAL A 1124 2.44 -5.40 -2.88
C VAL A 1124 2.47 -4.40 -4.03
N MET A 1125 3.48 -3.54 -4.03
CA MET A 1125 3.68 -2.60 -5.13
C MET A 1125 5.17 -2.41 -5.37
N MET A 1126 5.52 -2.15 -6.64
CA MET A 1126 6.89 -1.81 -6.99
C MET A 1126 6.87 -1.07 -8.33
N THR A 1127 7.99 -0.44 -8.65
CA THR A 1127 8.12 0.27 -9.90
C THR A 1127 8.08 -0.70 -11.09
N ALA A 1128 7.87 -0.15 -12.27
CA ALA A 1128 7.83 -0.96 -13.49
C ALA A 1128 8.17 -0.07 -14.67
N GLN A 1129 8.49 -0.71 -15.79
CA GLN A 1129 8.82 -0.04 -17.04
C GLN A 1129 7.96 -0.66 -18.13
N LEU A 1130 6.76 -0.14 -18.30
CA LEU A 1130 5.82 -0.67 -19.29
C LEU A 1130 5.86 0.16 -20.56
N LYS A 1134 7.88 5.07 -21.20
CA LYS A 1134 6.74 5.06 -20.29
C LYS A 1134 7.03 4.22 -19.05
N ASN A 1135 7.15 4.87 -17.91
CA ASN A 1135 7.42 4.22 -16.64
C ASN A 1135 6.18 4.27 -15.77
N VAL A 1136 5.80 3.13 -15.18
CA VAL A 1136 4.54 3.01 -14.46
C VAL A 1136 4.77 2.36 -13.10
N MET A 1137 3.82 2.59 -12.20
CA MET A 1137 3.67 1.88 -10.95
C MET A 1137 2.86 0.60 -11.14
N LEU A 1138 2.81 -0.23 -10.11
CA LEU A 1138 1.98 -1.43 -10.11
C LEU A 1138 1.53 -1.67 -8.67
N VAL A 1139 0.34 -1.16 -8.33
CA VAL A 1139 -0.21 -1.27 -6.99
C VAL A 1139 -1.27 -2.37 -7.00
N LEU A 1140 -1.17 -3.28 -6.04
CA LEU A 1140 -2.03 -4.47 -5.98
C LEU A 1140 -2.62 -4.56 -4.59
N GLY A 1141 -3.94 -4.77 -4.50
CA GLY A 1141 -4.58 -4.91 -3.21
C GLY A 1141 -5.97 -5.50 -3.33
N TYR A 1142 -6.45 -5.99 -2.19
CA TYR A 1142 -7.76 -6.63 -2.13
C TYR A 1142 -8.89 -5.60 -2.07
N SER A 1158 -9.65 -8.65 -5.28
CA SER A 1158 -8.30 -8.14 -5.51
C SER A 1158 -8.24 -7.31 -6.78
N CYS A 1159 -7.64 -6.12 -6.69
CA CYS A 1159 -7.56 -5.19 -7.81
C CYS A 1159 -6.11 -4.77 -8.02
N LEU A 1160 -5.74 -4.55 -9.27
CA LEU A 1160 -4.42 -4.08 -9.65
C LEU A 1160 -4.55 -2.74 -10.35
N THR A 1161 -3.85 -1.73 -9.85
CA THR A 1161 -3.91 -0.38 -10.38
C THR A 1161 -2.53 0.04 -10.87
N VAL A 1162 -2.50 0.70 -12.03
CA VAL A 1162 -1.27 1.10 -12.69
C VAL A 1162 -1.22 2.61 -12.73
N TRP A 1163 -0.20 3.19 -12.12
CA TRP A 1163 -0.04 4.64 -12.02
C TRP A 1163 1.24 5.07 -12.71
N ASP A 1164 1.22 6.26 -13.29
CA ASP A 1164 2.43 6.82 -13.89
C ASP A 1164 3.40 7.23 -12.79
N ILE A 1165 4.69 7.05 -13.08
CA ILE A 1165 5.75 7.33 -12.11
C ILE A 1165 5.72 8.77 -11.66
N ASN A 1166 5.28 9.68 -12.53
CA ASN A 1166 5.34 11.11 -12.25
C ASN A 1166 4.18 11.59 -11.38
N LEU A 1167 3.58 10.70 -10.58
CA LEU A 1167 2.40 11.07 -9.80
C LEU A 1167 2.63 12.24 -8.85
N PRO A 1168 3.69 12.27 -8.03
CA PRO A 1168 3.79 13.39 -7.06
C PRO A 1168 4.13 14.72 -7.71
N HIS A 1169 5.07 14.73 -8.66
CA HIS A 1169 5.35 15.96 -9.39
C HIS A 1169 4.12 16.42 -10.17
N GLU A 1170 3.33 15.47 -10.68
CA GLU A 1170 2.08 15.81 -11.34
C GLU A 1170 1.09 16.45 -10.38
N VAL A 1171 1.00 15.92 -9.16
CA VAL A 1171 0.13 16.52 -8.15
C VAL A 1171 0.57 17.96 -7.90
N GLN A 1172 1.86 18.17 -7.70
CA GLN A 1172 2.36 19.51 -7.43
C GLN A 1172 2.08 20.45 -8.58
N ASN A 1173 2.36 20.01 -9.81
CA ASN A 1173 2.14 20.86 -10.98
C ASN A 1173 0.67 21.20 -11.17
N LEU A 1174 -0.21 20.21 -11.03
CA LEU A 1174 -1.64 20.47 -11.20
C LEU A 1174 -2.16 21.40 -10.12
N GLU A 1175 -1.70 21.23 -8.88
CA GLU A 1175 -2.12 22.13 -7.82
C GLU A 1175 -1.66 23.55 -8.09
N LYS A 1176 -0.41 23.72 -8.54
CA LYS A 1176 0.10 25.05 -8.83
C LYS A 1176 -0.68 25.69 -9.99
N HIS A 1177 -0.95 24.91 -11.03
CA HIS A 1177 -1.68 25.45 -12.18
C HIS A 1177 -3.11 25.82 -11.81
N ILE A 1178 -3.76 25.01 -10.98
CA ILE A 1178 -5.12 25.32 -10.55
C ILE A 1178 -5.12 26.57 -9.68
N GLU A 1179 -4.11 26.71 -8.80
CA GLU A 1179 -4.03 27.92 -7.98
C GLU A 1179 -3.83 29.16 -8.86
N VAL A 1180 -2.96 29.07 -9.86
CA VAL A 1180 -2.73 30.19 -10.76
C VAL A 1180 -4.01 30.55 -11.50
N ARG A 1181 -4.71 29.55 -12.03
CA ARG A 1181 -5.93 29.80 -12.77
C ARG A 1181 -7.01 30.38 -11.88
N LYS A 1182 -7.11 29.91 -10.64
CA LYS A 1182 -8.08 30.47 -9.71
C LYS A 1182 -7.77 31.93 -9.40
N GLU A 1183 -6.48 32.25 -9.23
CA GLU A 1183 -6.09 33.64 -9.03
C GLU A 1183 -6.48 34.50 -10.23
N LEU A 1184 -6.23 34.00 -11.44
CA LEU A 1184 -6.58 34.76 -12.64
C LEU A 1184 -8.09 34.96 -12.74
N ALA A 1185 -8.88 33.92 -12.46
CA ALA A 1185 -10.32 34.03 -12.52
C ALA A 1185 -10.84 35.02 -11.48
N GLU A 1186 -10.25 34.99 -10.28
CA GLU A 1186 -10.62 35.97 -9.27
C GLU A 1186 -10.28 37.38 -9.73
N LYS A 1187 -9.15 37.54 -10.44
CA LYS A 1187 -8.81 38.84 -10.99
C LYS A 1187 -9.86 39.29 -12.02
N MET A 1188 -10.30 38.39 -12.89
CA MET A 1188 -11.29 38.75 -13.90
C MET A 1188 -12.69 38.58 -13.35
N LEU B 16 8.54 15.80 32.41
CA LEU B 16 7.26 15.60 33.07
C LEU B 16 6.52 14.41 32.47
N GLY B 17 5.42 14.69 31.76
CA GLY B 17 4.67 13.61 31.14
C GLY B 17 5.46 12.89 30.07
N LYS B 18 6.22 13.64 29.25
CA LYS B 18 7.04 13.02 28.23
C LYS B 18 8.10 12.12 28.84
N LYS B 19 8.74 12.59 29.92
CA LYS B 19 9.75 11.77 30.59
C LYS B 19 9.13 10.50 31.16
N LEU B 20 7.95 10.61 31.78
CA LEU B 20 7.30 9.44 32.34
C LEU B 20 6.93 8.44 31.27
N LEU B 21 6.36 8.90 30.15
CA LEU B 21 5.95 7.98 29.10
C LEU B 21 7.14 7.38 28.37
N GLU B 22 8.27 8.09 28.30
CA GLU B 22 9.46 7.50 27.70
C GLU B 22 10.14 6.51 28.65
N ALA B 23 10.13 6.79 29.95
CA ALA B 23 10.77 5.90 30.91
C ALA B 23 9.94 4.64 31.16
N ALA B 24 8.61 4.74 31.02
CA ALA B 24 7.78 3.54 31.17
C ALA B 24 8.13 2.49 30.13
N ARG B 25 8.56 2.92 28.93
CA ARG B 25 9.05 1.98 27.95
C ARG B 25 10.32 1.28 28.43
N ALA B 26 11.24 2.03 29.03
CA ALA B 26 12.45 1.44 29.59
C ALA B 26 12.18 0.77 30.93
N GLY B 27 11.27 1.32 31.72
CA GLY B 27 10.98 0.79 33.04
C GLY B 27 11.47 1.70 34.15
N GLN B 28 10.56 2.45 34.75
CA GLN B 28 10.94 3.37 35.82
C GLN B 28 11.29 2.61 37.10
N ASP B 29 10.63 1.48 37.34
CA ASP B 29 10.77 0.73 38.59
C ASP B 29 10.63 1.67 39.79
N ASP B 30 11.76 2.17 40.24
CA ASP B 30 11.87 3.10 41.36
C ASP B 30 11.29 4.51 41.21
N GLU B 31 11.44 5.09 40.02
CA GLU B 31 11.01 6.48 39.80
C GLU B 31 9.54 6.72 40.06
N VAL B 32 8.73 5.76 39.67
CA VAL B 32 7.28 5.80 39.83
C VAL B 32 6.65 7.09 39.26
N ARG B 33 5.67 7.69 39.94
CA ARG B 33 5.10 8.89 39.37
C ARG B 33 4.44 9.90 40.28
N ILE B 34 5.19 10.91 40.73
CA ILE B 34 4.63 12.07 41.41
C ILE B 34 3.84 11.70 42.66
N LEU B 35 4.55 11.32 43.73
CA LEU B 35 3.93 11.15 45.05
C LEU B 35 3.74 12.52 45.69
N MET B 36 2.70 13.20 45.23
CA MET B 36 2.34 14.52 45.74
C MET B 36 0.89 14.54 46.20
N ASN B 43 -2.56 11.08 33.90
CA ASN B 43 -2.45 10.26 32.70
C ASN B 43 -2.17 11.12 31.48
N ALA B 44 -1.07 11.85 31.51
CA ALA B 44 -0.73 12.75 30.42
C ALA B 44 -0.42 11.96 29.15
N THR B 45 -0.92 12.46 28.03
CA THR B 45 -0.74 11.82 26.73
C THR B 45 0.45 12.46 26.01
N ASP B 46 0.60 12.10 24.73
CA ASP B 46 1.69 12.59 23.90
C ASP B 46 1.11 12.97 22.53
N GLU B 47 1.91 13.70 21.74
CA GLU B 47 1.52 13.98 20.37
C GLU B 47 1.27 12.71 19.58
N ALA B 48 1.94 11.61 19.93
CA ALA B 48 1.68 10.30 19.37
C ALA B 48 0.54 9.59 20.07
N GLY B 49 0.02 10.15 21.16
CA GLY B 49 -1.11 9.59 21.86
C GLY B 49 -0.80 8.47 22.83
N VAL B 50 0.47 8.25 23.16
CA VAL B 50 0.86 7.13 24.01
C VAL B 50 0.66 7.52 25.47
N THR B 51 -0.14 6.75 26.18
CA THR B 51 -0.38 6.93 27.60
C THR B 51 0.63 6.11 28.41
N PRO B 52 0.83 6.44 29.69
CA PRO B 52 1.79 5.66 30.49
C PRO B 52 1.48 4.19 30.55
N LEU B 53 0.20 3.81 30.67
CA LEU B 53 -0.16 2.41 30.62
C LEU B 53 0.15 1.82 29.24
N HIS B 54 -0.10 2.57 28.18
CA HIS B 54 0.17 2.07 26.84
C HIS B 54 1.66 1.81 26.64
N LEU B 55 2.49 2.81 26.93
CA LEU B 55 3.93 2.62 26.79
C LEU B 55 4.45 1.56 27.73
N ALA B 56 3.79 1.38 28.88
CA ALA B 56 4.26 0.43 29.87
C ALA B 56 3.93 -1.02 29.48
N ALA B 57 2.75 -1.26 28.91
CA ALA B 57 2.34 -2.62 28.57
C ALA B 57 3.09 -3.18 27.37
N ASP B 58 3.85 -2.36 26.65
CA ASP B 58 4.69 -2.88 25.57
C ASP B 58 5.88 -3.65 26.13
N SER B 59 6.69 -2.98 26.95
CA SER B 59 7.84 -3.63 27.58
C SER B 59 7.40 -4.75 28.52
N GLY B 60 6.14 -4.78 28.92
CA GLY B 60 5.62 -5.85 29.73
C GLY B 60 6.17 -5.94 31.14
N HIS B 61 6.32 -4.80 31.80
CA HIS B 61 6.66 -4.81 33.21
C HIS B 61 5.44 -5.21 34.04
N LEU B 62 5.68 -5.50 35.31
CA LEU B 62 4.58 -5.80 36.23
C LEU B 62 4.39 -4.77 37.32
N GLU B 63 5.44 -4.06 37.73
CA GLU B 63 5.25 -2.98 38.70
C GLU B 63 4.42 -1.84 38.12
N ILE B 64 4.38 -1.73 36.79
CA ILE B 64 3.69 -0.62 36.14
C ILE B 64 2.20 -0.62 36.49
N VAL B 65 1.54 -1.76 36.33
CA VAL B 65 0.10 -1.85 36.53
C VAL B 65 -0.27 -2.16 37.98
N GLU B 66 0.72 -2.32 38.86
CA GLU B 66 0.44 -2.42 40.28
C GLU B 66 0.75 -1.14 41.04
N VAL B 67 1.49 -0.21 40.44
CA VAL B 67 1.72 1.10 41.04
C VAL B 67 1.03 2.23 40.29
N LEU B 68 0.47 1.98 39.10
CA LEU B 68 -0.23 3.02 38.38
C LEU B 68 -1.72 2.81 38.29
N LEU B 69 -2.19 1.57 38.24
CA LEU B 69 -3.63 1.32 38.28
C LEU B 69 -4.24 1.76 39.61
N LYS B 70 -3.54 1.49 40.72
CA LYS B 70 -4.04 1.93 42.02
C LYS B 70 -4.11 3.45 42.11
N THR B 71 -3.23 4.14 41.38
CA THR B 71 -3.29 5.60 41.34
C THR B 71 -4.58 6.06 40.68
N GLY B 72 -5.03 5.36 39.64
CA GLY B 72 -6.25 5.72 38.96
C GLY B 72 -6.07 5.91 37.47
N ALA B 73 -4.98 5.40 36.92
CA ALA B 73 -4.74 5.51 35.49
C ALA B 73 -5.86 4.81 34.72
N ASP B 74 -6.28 5.43 33.62
CA ASP B 74 -7.42 4.94 32.87
C ASP B 74 -7.18 3.52 32.36
N VAL B 75 -8.15 2.65 32.61
CA VAL B 75 -8.06 1.27 32.11
C VAL B 75 -8.15 1.26 30.59
N ASN B 76 -8.96 2.15 30.02
CA ASN B 76 -9.12 2.26 28.57
C ASN B 76 -8.94 3.71 28.16
N ALA B 77 -7.77 4.03 27.61
CA ALA B 77 -7.48 5.34 27.03
C ALA B 77 -6.80 5.07 25.69
N TRP B 78 -7.60 4.93 24.64
CA TRP B 78 -7.09 4.45 23.36
C TRP B 78 -6.21 5.51 22.69
N ASP B 79 -5.40 5.04 21.74
CA ASP B 79 -4.40 5.85 21.08
C ASP B 79 -4.90 6.33 19.73
N HIS B 80 -4.07 7.12 19.03
CA HIS B 80 -4.42 7.50 17.66
C HIS B 80 -4.54 6.29 16.75
N TYR B 81 -3.64 5.32 16.88
CA TYR B 81 -3.85 4.04 16.22
C TYR B 81 -5.14 3.40 16.73
N GLY B 82 -5.39 3.52 18.03
CA GLY B 82 -6.56 2.98 18.69
C GLY B 82 -6.16 1.67 19.33
N PHE B 83 -5.79 1.71 20.61
CA PHE B 83 -5.09 0.60 21.22
C PHE B 83 -5.37 0.64 22.72
N THR B 84 -6.35 -0.14 23.17
CA THR B 84 -6.52 -0.32 24.60
C THR B 84 -5.41 -1.22 25.13
N PRO B 85 -5.03 -1.07 26.41
CA PRO B 85 -3.92 -1.88 26.92
C PRO B 85 -4.33 -3.32 27.19
N LEU B 86 -5.09 -3.88 26.25
CA LEU B 86 -5.32 -5.31 26.16
C LEU B 86 -4.91 -5.73 24.76
N HIS B 87 -5.12 -4.83 23.80
CA HIS B 87 -4.56 -5.02 22.47
C HIS B 87 -3.04 -5.11 22.54
N LEU B 88 -2.42 -4.22 23.30
CA LEU B 88 -0.97 -4.28 23.49
C LEU B 88 -0.55 -5.55 24.20
N ALA B 89 -1.31 -5.95 25.23
CA ALA B 89 -0.94 -7.12 26.00
C ALA B 89 -1.05 -8.41 25.20
N ALA B 90 -2.01 -8.49 24.28
CA ALA B 90 -2.05 -9.61 23.34
C ALA B 90 -1.10 -9.43 22.16
N HIS B 91 -0.62 -8.21 21.94
CA HIS B 91 0.35 -7.95 20.89
C HIS B 91 1.73 -8.44 21.28
N VAL B 92 2.27 -7.90 22.37
CA VAL B 92 3.60 -8.29 22.83
C VAL B 92 3.60 -9.75 23.29
N GLY B 93 2.51 -10.18 23.93
CA GLY B 93 2.42 -11.53 24.44
C GLY B 93 2.75 -11.59 25.92
N HIS B 94 1.73 -11.77 26.76
CA HIS B 94 1.92 -11.72 28.19
C HIS B 94 0.83 -12.52 28.87
N LEU B 95 1.03 -12.83 30.14
CA LEU B 95 0.02 -13.44 30.99
C LEU B 95 -0.36 -12.56 32.15
N GLU B 96 0.62 -12.10 32.92
CA GLU B 96 0.33 -11.35 34.14
C GLU B 96 -0.38 -10.04 33.84
N ILE B 97 0.01 -9.37 32.76
CA ILE B 97 -0.59 -8.08 32.45
C ILE B 97 -2.08 -8.22 32.17
N VAL B 98 -2.46 -9.22 31.37
CA VAL B 98 -3.87 -9.48 31.11
C VAL B 98 -4.60 -9.92 32.37
N GLU B 99 -4.01 -10.85 33.12
CA GLU B 99 -4.62 -11.31 34.36
C GLU B 99 -4.90 -10.15 35.30
N VAL B 100 -4.04 -9.13 35.29
CA VAL B 100 -4.24 -7.99 36.16
C VAL B 100 -5.24 -7.01 35.57
N LEU B 101 -5.18 -6.78 34.26
CA LEU B 101 -5.98 -5.71 33.68
C LEU B 101 -7.44 -6.07 33.52
N LEU B 102 -7.79 -7.35 33.46
CA LEU B 102 -9.21 -7.67 33.62
C LEU B 102 -9.64 -7.79 35.08
N LYS B 103 -8.71 -7.71 36.04
CA LYS B 103 -9.14 -7.52 37.42
C LYS B 103 -9.82 -6.17 37.60
N ALA B 104 -9.28 -5.13 36.96
CA ALA B 104 -9.95 -3.83 36.97
C ALA B 104 -11.18 -3.80 36.09
N GLY B 105 -11.25 -4.68 35.08
CA GLY B 105 -12.41 -4.74 34.22
C GLY B 105 -12.24 -4.06 32.87
N ALA B 106 -11.10 -4.27 32.23
CA ALA B 106 -10.85 -3.69 30.92
C ALA B 106 -11.82 -4.26 29.89
N ASP B 107 -12.20 -3.43 28.91
CA ASP B 107 -13.14 -3.84 27.89
C ASP B 107 -12.52 -4.92 27.03
N VAL B 108 -13.00 -6.16 27.18
CA VAL B 108 -12.49 -7.27 26.39
C VAL B 108 -12.91 -7.17 24.94
N ASN B 109 -13.83 -6.26 24.61
CA ASN B 109 -14.35 -6.15 23.25
C ASN B 109 -14.05 -4.79 22.63
N ALA B 110 -13.05 -4.07 23.13
CA ALA B 110 -12.62 -2.84 22.49
C ALA B 110 -12.04 -3.16 21.11
N GLN B 111 -12.20 -2.22 20.18
CA GLN B 111 -11.82 -2.44 18.79
C GLN B 111 -10.74 -1.45 18.38
N ASP B 112 -9.77 -1.93 17.62
CA ASP B 112 -8.76 -1.08 17.01
C ASP B 112 -9.39 -0.26 15.89
N HIS B 113 -8.62 0.70 15.38
CA HIS B 113 -9.09 1.44 14.21
C HIS B 113 -9.12 0.56 12.97
N ALA B 114 -8.46 -0.60 13.03
CA ALA B 114 -8.60 -1.64 12.03
C ALA B 114 -9.58 -2.73 12.46
N GLY B 115 -10.31 -2.49 13.54
CA GLY B 115 -11.25 -3.47 14.04
C GLY B 115 -10.62 -4.73 14.60
N TRP B 116 -9.55 -4.61 15.37
CA TRP B 116 -8.92 -5.74 16.04
C TRP B 116 -9.32 -5.73 17.50
N THR B 117 -9.86 -6.84 17.97
CA THR B 117 -10.10 -7.05 19.40
C THR B 117 -8.88 -7.71 20.03
N PRO B 118 -8.74 -7.62 21.35
CA PRO B 118 -7.60 -8.31 22.00
C PRO B 118 -7.56 -9.79 21.69
N LEU B 119 -8.73 -10.44 21.56
CA LEU B 119 -8.75 -11.84 21.14
C LEU B 119 -8.21 -11.98 19.72
N HIS B 120 -8.51 -11.02 18.85
CA HIS B 120 -7.99 -11.07 17.48
C HIS B 120 -6.46 -11.07 17.48
N LEU B 121 -5.86 -10.10 18.18
CA LEU B 121 -4.41 -10.04 18.24
C LEU B 121 -3.82 -11.26 18.93
N ALA B 122 -4.53 -11.80 19.93
CA ALA B 122 -4.06 -13.02 20.58
C ALA B 122 -3.99 -14.18 19.60
N ALA B 123 -5.07 -14.39 18.83
CA ALA B 123 -5.07 -15.43 17.83
C ALA B 123 -4.10 -15.14 16.70
N LEU B 124 -3.69 -13.88 16.54
CA LEU B 124 -2.73 -13.53 15.50
C LEU B 124 -1.32 -13.97 15.88
N TYR B 125 -1.01 -14.08 17.17
CA TYR B 125 0.33 -14.37 17.63
C TYR B 125 0.43 -15.66 18.43
N GLY B 126 -0.55 -16.55 18.31
CA GLY B 126 -0.45 -17.88 18.87
C GLY B 126 -0.27 -17.97 20.36
N HIS B 127 -1.07 -17.22 21.12
CA HIS B 127 -1.05 -17.26 22.58
C HIS B 127 -2.31 -18.02 23.04
N LEU B 128 -2.16 -19.34 23.21
CA LEU B 128 -3.28 -20.15 23.69
C LEU B 128 -3.72 -19.71 25.08
N GLU B 129 -2.75 -19.40 25.94
CA GLU B 129 -3.05 -18.93 27.28
C GLU B 129 -3.96 -17.70 27.26
N ILE B 130 -3.72 -16.77 26.33
CA ILE B 130 -4.47 -15.52 26.35
C ILE B 130 -5.90 -15.73 25.87
N VAL B 131 -6.09 -16.47 24.78
CA VAL B 131 -7.44 -16.73 24.31
C VAL B 131 -8.21 -17.53 25.35
N GLU B 132 -7.53 -18.46 26.03
CA GLU B 132 -8.19 -19.19 27.12
C GLU B 132 -8.58 -18.24 28.25
N VAL B 133 -7.72 -17.28 28.58
CA VAL B 133 -8.00 -16.37 29.68
C VAL B 133 -9.19 -15.48 29.36
N LEU B 134 -9.19 -14.87 28.16
CA LEU B 134 -10.23 -13.91 27.84
C LEU B 134 -11.57 -14.59 27.60
N LEU B 135 -11.55 -15.79 27.00
CA LEU B 135 -12.79 -16.50 26.73
C LEU B 135 -13.55 -16.83 28.02
N LYS B 136 -12.81 -17.26 29.05
CA LYS B 136 -13.43 -17.49 30.35
C LYS B 136 -13.90 -16.20 31.01
N HIS B 137 -13.37 -15.05 30.59
CA HIS B 137 -13.75 -13.77 31.13
C HIS B 137 -14.89 -13.11 30.36
N GLY B 138 -15.39 -13.74 29.30
CA GLY B 138 -16.51 -13.20 28.57
C GLY B 138 -16.12 -12.52 27.27
N ALA B 139 -15.17 -13.10 26.55
CA ALA B 139 -14.76 -12.57 25.26
C ALA B 139 -15.57 -13.21 24.15
N ASP B 140 -15.98 -12.42 23.17
CA ASP B 140 -16.78 -12.94 22.08
C ASP B 140 -15.90 -13.58 21.01
N VAL B 141 -16.54 -14.33 20.11
CA VAL B 141 -15.88 -14.93 18.97
C VAL B 141 -16.40 -14.39 17.65
N ASN B 142 -17.53 -13.67 17.66
CA ASN B 142 -18.12 -13.10 16.46
C ASN B 142 -17.72 -11.64 16.26
N ALA B 143 -16.59 -11.22 16.84
CA ALA B 143 -16.11 -9.86 16.63
C ALA B 143 -15.73 -9.65 15.16
N GLN B 144 -15.86 -8.41 14.71
CA GLN B 144 -15.77 -8.10 13.29
C GLN B 144 -14.86 -6.91 13.03
N ASP B 145 -14.32 -6.87 11.81
CA ASP B 145 -13.57 -5.74 11.28
C ASP B 145 -14.11 -5.43 9.90
N MET B 146 -13.58 -4.38 9.26
CA MET B 146 -13.99 -4.07 7.91
C MET B 146 -13.56 -5.14 6.91
N TRP B 147 -12.58 -5.96 7.27
CA TRP B 147 -12.20 -7.09 6.43
C TRP B 147 -13.07 -8.32 6.66
N GLY B 148 -13.97 -8.27 7.63
CA GLY B 148 -14.87 -9.39 7.91
C GLY B 148 -14.16 -10.65 8.37
N GLU B 149 -13.17 -10.53 9.24
CA GLU B 149 -12.40 -11.66 9.72
C GLU B 149 -12.60 -11.83 11.22
N THR B 150 -12.86 -13.05 11.64
CA THR B 150 -13.03 -13.45 13.03
C THR B 150 -11.72 -13.98 13.59
N PRO B 151 -11.56 -14.03 14.91
CA PRO B 151 -10.30 -14.53 15.48
C PRO B 151 -9.94 -15.93 15.03
N PHE B 152 -10.94 -16.75 14.71
CA PHE B 152 -10.65 -18.05 14.12
C PHE B 152 -9.92 -17.90 12.79
N ASP B 153 -10.37 -16.96 11.95
CA ASP B 153 -9.71 -16.72 10.68
C ASP B 153 -8.28 -16.22 10.88
N LEU B 154 -8.08 -15.32 11.85
CA LEU B 154 -6.73 -14.86 12.14
C LEU B 154 -5.84 -16.00 12.61
N ALA B 155 -6.39 -16.90 13.43
CA ALA B 155 -5.61 -18.02 13.92
C ALA B 155 -5.20 -18.96 12.77
N ILE B 156 -6.16 -19.30 11.90
CA ILE B 156 -5.84 -20.27 10.84
C ILE B 156 -4.91 -19.63 9.81
N ASP B 157 -5.12 -18.35 9.50
CA ASP B 157 -4.29 -17.70 8.48
C ASP B 157 -2.83 -17.66 8.87
N ASN B 158 -2.53 -17.50 10.15
CA ASN B 158 -1.15 -17.54 10.64
C ASN B 158 -0.67 -18.94 10.93
N GLY B 159 -1.52 -19.96 10.74
CA GLY B 159 -1.12 -21.34 10.94
C GLY B 159 -1.22 -21.86 12.35
N ASN B 160 -1.69 -21.03 13.30
CA ASN B 160 -1.82 -21.47 14.69
C ASN B 160 -3.19 -22.10 14.90
N GLU B 161 -3.34 -23.31 14.36
CA GLU B 161 -4.60 -24.05 14.46
C GLU B 161 -4.91 -24.46 15.88
N ASP B 162 -3.93 -24.45 16.78
CA ASP B 162 -4.16 -24.82 18.17
C ASP B 162 -5.14 -23.85 18.83
N ILE B 163 -4.98 -22.55 18.58
CA ILE B 163 -5.91 -21.57 19.11
C ILE B 163 -7.28 -21.72 18.45
N ALA B 164 -7.29 -21.97 17.13
CA ALA B 164 -8.56 -22.16 16.43
C ALA B 164 -9.34 -23.34 16.98
N GLU B 165 -8.63 -24.36 17.47
CA GLU B 165 -9.31 -25.51 18.07
C GLU B 165 -10.13 -25.09 19.28
N VAL B 166 -9.52 -24.34 20.20
CA VAL B 166 -10.24 -23.92 21.40
C VAL B 166 -11.31 -22.89 21.05
N LEU B 167 -11.07 -22.06 20.02
CA LEU B 167 -12.09 -21.11 19.59
C LEU B 167 -13.31 -21.83 19.05
N GLN B 168 -13.10 -22.88 18.25
CA GLN B 168 -14.21 -23.68 17.76
C GLN B 168 -14.92 -24.42 18.89
N LYS B 169 -14.14 -24.92 19.86
CA LYS B 169 -14.74 -25.60 21.00
C LYS B 169 -15.63 -24.64 21.80
N ALA B 170 -15.18 -23.41 21.99
CA ALA B 170 -15.97 -22.41 22.70
C ALA B 170 -16.99 -21.71 21.82
N ALA B 171 -16.99 -21.98 20.52
CA ALA B 171 -17.94 -21.35 19.61
C ALA B 171 -19.36 -21.85 19.85
#